data_2I7X
#
_entry.id   2I7X
#
_cell.length_a   75.631
_cell.length_b   122.801
_cell.length_c   126.862
_cell.angle_alpha   90.00
_cell.angle_beta   90.00
_cell.angle_gamma   90.00
#
_symmetry.space_group_name_H-M   'I 2 2 2'
#
loop_
_entity.id
_entity.type
_entity.pdbx_description
1 polymer 'Protein CFT2'
2 water water
#
_entity_poly.entity_id   1
_entity_poly.type   'polypeptide(L)'
_entity_poly.pdbx_seq_one_letter_code
;MTYKYNCCDDGSGTTVGSVVRFDNVTLLIDPGWNPSKVSYEQCIKYWEKVIPEIDVIILSQPTIECLGAHSLLYYNFTSH
FISRIQVYATLPVINLGRVSTIDSYASAGVIGPYDTNKLDLEDIEISFDHIVPLKYSQLVDLRSRYDGLTLLAYNAGVCP
GGSIWCISTYSEKLVYAKRWNHTRDNILNAASILDATGKPLSTLMRPSAIITTLDRFGSSQPFKKRSKIFKDTLKKGLSS
DGSVIIPVDMSGKFLDLFTQVHELLFESTKINAHTQVPVLILSYARGRTLTYAKSMLEWLSPSLLKTWENRNNTSPFEIG
SRIKIIAPNELSKYPGSKICFVSEVGALINEVIIKVGNSEKTTLILTKPSFECASSLDKILEIVEQDERNWKTFPEDGKS
FLCDNYISIDTIKEEPLSKEETEAFKVQLKEKKRDRNKKILLVKRESKKLANGNAIIDDTNGERAMRNQDILVENVNGVP
PIDHIMGGDEDDDEEEENDNLLNLLKDNSEKSAAKKNTEVPVDIIIQPSAASKHKMFPFNPAKIKKDDYGTVVDFTMFLP
DDSDNVNQNSRKRPLKDGAKTTSPVNEEDNKNEEEDGYNMSDPISKRSKHRASRYSGFSGTGEAENFDNLDYLKIDKTLS
KRTISTVNVQLKCSVVILNLQSLVDQRSASIIWPSLKSRKIVLSAPKQIQNEEITAKLIKKNIEVVNMPLNKIVEFS
;
_entity_poly.pdbx_strand_id   A
#
# COMPACT_ATOMS: atom_id res chain seq x y z
N MET A 1 28.84 9.88 13.60
CA MET A 1 29.32 10.25 14.96
C MET A 1 28.20 10.41 15.99
N THR A 2 26.96 10.57 15.50
CA THR A 2 25.78 10.72 16.36
C THR A 2 24.59 11.31 15.63
N TYR A 3 23.45 10.66 15.76
CA TYR A 3 22.23 11.13 15.13
C TYR A 3 21.01 10.61 15.89
N LYS A 4 19.88 11.28 15.72
CA LYS A 4 18.64 10.91 16.39
C LYS A 4 17.65 10.19 15.48
N TYR A 5 16.87 9.29 16.07
CA TYR A 5 15.85 8.54 15.32
C TYR A 5 14.57 8.57 16.12
N ASN A 6 13.42 8.57 15.44
CA ASN A 6 12.16 8.65 16.15
C ASN A 6 11.00 8.03 15.35
N CYS A 7 10.30 7.09 15.95
CA CYS A 7 9.16 6.46 15.29
C CYS A 7 7.87 7.19 15.70
N CYS A 8 7.29 7.91 14.74
CA CYS A 8 6.10 8.69 14.97
C CYS A 8 4.86 7.85 15.24
N ASP A 9 4.04 8.33 16.18
CA ASP A 9 2.82 7.65 16.57
C ASP A 9 1.72 8.68 16.70
N ASP A 10 0.72 8.59 15.82
CA ASP A 10 -0.41 9.50 15.83
C ASP A 10 -1.54 9.04 16.77
N GLY A 11 -1.32 7.92 17.44
CA GLY A 11 -2.32 7.39 18.35
C GLY A 11 -2.85 6.01 17.96
N SER A 12 -2.45 5.51 16.80
CA SER A 12 -2.92 4.21 16.35
C SER A 12 -2.04 3.12 16.91
N GLY A 13 -1.02 3.51 17.66
CA GLY A 13 -0.10 2.55 18.25
C GLY A 13 0.87 1.91 17.29
N THR A 14 0.92 2.40 16.05
CA THR A 14 1.84 1.86 15.07
C THR A 14 2.73 3.00 14.61
N THR A 15 3.78 2.70 13.86
CA THR A 15 4.66 3.76 13.38
C THR A 15 4.08 4.38 12.11
N VAL A 16 3.86 5.68 12.15
CA VAL A 16 3.35 6.37 10.99
C VAL A 16 4.44 7.27 10.45
N GLY A 17 5.70 6.96 10.80
CA GLY A 17 6.82 7.74 10.35
C GLY A 17 8.14 7.57 11.08
N SER A 18 9.24 7.78 10.35
CA SER A 18 10.58 7.67 10.89
C SER A 18 11.22 9.04 10.74
N VAL A 19 11.72 9.62 11.83
CA VAL A 19 12.36 10.91 11.75
C VAL A 19 13.82 10.73 12.04
N VAL A 20 14.66 11.25 11.16
CA VAL A 20 16.09 11.14 11.34
C VAL A 20 16.66 12.54 11.47
N ARG A 21 17.35 12.76 12.59
CA ARG A 21 17.97 14.04 12.86
C ARG A 21 19.48 13.95 12.77
N PHE A 22 20.04 14.60 11.77
CA PHE A 22 21.49 14.61 11.61
C PHE A 22 21.89 15.99 12.08
N ASP A 23 23.19 16.25 12.13
CA ASP A 23 23.67 17.56 12.59
C ASP A 23 22.91 18.78 12.08
N ASN A 24 22.76 18.90 10.76
CA ASN A 24 22.06 20.06 10.23
C ASN A 24 20.88 19.76 9.33
N VAL A 25 20.36 18.54 9.44
CA VAL A 25 19.21 18.14 8.63
C VAL A 25 18.27 17.28 9.46
N THR A 26 16.98 17.48 9.25
CA THR A 26 15.95 16.71 9.93
C THR A 26 15.06 16.17 8.81
N LEU A 27 15.09 14.85 8.59
CA LEU A 27 14.26 14.25 7.55
C LEU A 27 13.14 13.36 8.09
N LEU A 28 12.01 13.38 7.37
CA LEU A 28 10.84 12.59 7.73
C LEU A 28 10.66 11.51 6.67
N ILE A 29 10.61 10.25 7.10
CA ILE A 29 10.43 9.19 6.13
C ILE A 29 9.05 8.54 6.28
N ASP A 30 8.33 8.46 5.18
CA ASP A 30 7.00 7.83 5.13
C ASP A 30 5.96 8.26 6.16
N PRO A 31 5.40 9.47 6.01
CA PRO A 31 4.38 9.89 6.97
C PRO A 31 3.07 9.20 6.60
N GLY A 32 2.75 8.11 7.29
CA GLY A 32 1.54 7.39 6.99
C GLY A 32 0.34 7.87 7.80
N TRP A 33 -0.84 7.39 7.40
CA TRP A 33 -2.09 7.71 8.07
C TRP A 33 -3.15 6.67 7.71
N ASN A 34 -3.91 6.23 8.70
CA ASN A 34 -4.97 5.25 8.50
C ASN A 34 -6.27 5.83 9.03
N PRO A 35 -7.03 6.54 8.18
CA PRO A 35 -8.31 7.16 8.57
C PRO A 35 -9.27 6.31 9.41
N SER A 36 -9.30 5.01 9.14
CA SER A 36 -10.18 4.09 9.88
C SER A 36 -9.74 3.99 11.33
N LYS A 37 -8.51 4.41 11.62
CA LYS A 37 -7.96 4.34 12.96
C LYS A 37 -7.85 5.68 13.67
N VAL A 38 -7.23 6.67 13.04
CA VAL A 38 -7.09 7.98 13.66
C VAL A 38 -7.91 8.96 12.86
N SER A 39 -8.58 9.87 13.55
CA SER A 39 -9.41 10.84 12.84
C SER A 39 -8.58 11.95 12.20
N TYR A 40 -9.19 12.66 11.27
CA TYR A 40 -8.54 13.77 10.60
C TYR A 40 -8.01 14.79 11.64
N GLU A 41 -8.81 15.08 12.68
CA GLU A 41 -8.39 16.03 13.71
C GLU A 41 -7.24 15.55 14.58
N GLN A 42 -7.25 14.28 14.95
CA GLN A 42 -6.20 13.71 15.79
C GLN A 42 -4.92 13.65 14.99
N CYS A 43 -5.07 13.47 13.67
CA CYS A 43 -3.92 13.38 12.79
C CYS A 43 -3.23 14.73 12.76
N ILE A 44 -4.02 15.77 12.56
CA ILE A 44 -3.49 17.13 12.55
C ILE A 44 -2.79 17.49 13.85
N LYS A 45 -3.46 17.28 14.98
CA LYS A 45 -2.88 17.60 16.28
C LYS A 45 -1.54 16.89 16.51
N TYR A 46 -1.38 15.71 15.93
CA TYR A 46 -0.14 15.00 16.11
C TYR A 46 0.99 15.63 15.32
N TRP A 47 0.73 15.89 14.04
CA TRP A 47 1.77 16.45 13.18
C TRP A 47 2.06 17.92 13.41
N GLU A 48 1.12 18.64 14.03
CA GLU A 48 1.33 20.06 14.29
C GLU A 48 2.64 20.35 15.01
N LYS A 49 2.98 19.52 15.99
CA LYS A 49 4.21 19.72 16.74
C LYS A 49 5.41 19.03 16.07
N VAL A 50 5.18 18.41 14.92
CA VAL A 50 6.23 17.71 14.20
C VAL A 50 6.73 18.40 12.93
N ILE A 51 5.81 18.87 12.11
CA ILE A 51 6.17 19.51 10.84
C ILE A 51 7.21 20.64 10.92
N PRO A 52 6.97 21.65 11.77
CA PRO A 52 7.95 22.74 11.86
C PRO A 52 9.42 22.31 12.08
N GLU A 53 9.62 21.06 12.45
CA GLU A 53 10.98 20.56 12.69
C GLU A 53 11.55 19.79 11.49
N ILE A 54 10.71 19.52 10.50
CA ILE A 54 11.11 18.75 9.33
C ILE A 54 11.69 19.50 8.12
N ASP A 55 12.78 18.98 7.56
CA ASP A 55 13.41 19.60 6.38
C ASP A 55 13.19 18.80 5.10
N VAL A 56 13.40 17.49 5.15
CA VAL A 56 13.24 16.68 3.99
C VAL A 56 12.28 15.52 4.21
N ILE A 57 11.43 15.28 3.22
CA ILE A 57 10.49 14.19 3.28
C ILE A 57 10.76 13.24 2.13
N ILE A 58 10.64 11.95 2.39
CA ILE A 58 10.84 10.94 1.36
C ILE A 58 9.78 9.88 1.54
N LEU A 59 9.26 9.38 0.43
CA LEU A 59 8.21 8.37 0.41
C LEU A 59 8.79 7.09 -0.20
N SER A 60 8.54 5.93 0.38
CA SER A 60 9.13 4.73 -0.17
C SER A 60 8.13 3.77 -0.79
N GLN A 61 6.83 4.03 -0.60
CA GLN A 61 5.79 3.19 -1.17
C GLN A 61 4.52 4.03 -1.40
N PRO A 62 3.73 3.68 -2.43
CA PRO A 62 2.50 4.41 -2.73
C PRO A 62 1.34 4.08 -1.80
N THR A 63 1.59 3.21 -0.81
CA THR A 63 0.56 2.78 0.15
C THR A 63 0.30 3.81 1.26
N ILE A 64 -0.96 3.91 1.66
CA ILE A 64 -1.38 4.85 2.69
C ILE A 64 -0.61 4.69 4.00
N GLU A 65 -0.10 3.50 4.26
CA GLU A 65 0.68 3.31 5.47
C GLU A 65 2.07 3.97 5.31
N CYS A 66 2.41 4.41 4.11
CA CYS A 66 3.69 5.07 3.89
C CYS A 66 3.53 6.55 3.51
N LEU A 67 2.44 6.89 2.82
CA LEU A 67 2.22 8.26 2.40
C LEU A 67 0.81 8.79 2.68
N GLY A 68 0.06 8.03 3.47
CA GLY A 68 -1.31 8.42 3.76
C GLY A 68 -1.55 9.80 4.32
N ALA A 69 -0.56 10.37 5.00
CA ALA A 69 -0.74 11.69 5.60
C ALA A 69 -0.28 12.86 4.73
N HIS A 70 0.50 12.59 3.71
CA HIS A 70 1.01 13.64 2.85
C HIS A 70 0.04 14.74 2.38
N SER A 71 -1.08 14.38 1.78
CA SER A 71 -2.01 15.39 1.30
C SER A 71 -2.57 16.22 2.44
N LEU A 72 -2.83 15.57 3.56
CA LEU A 72 -3.37 16.26 4.71
C LEU A 72 -2.30 17.15 5.31
N LEU A 73 -1.05 16.72 5.20
CA LEU A 73 0.05 17.50 5.73
C LEU A 73 0.28 18.70 4.83
N TYR A 74 0.31 18.47 3.51
CA TYR A 74 0.53 19.55 2.55
C TYR A 74 -0.56 20.59 2.64
N TYR A 75 -1.79 20.13 2.81
CA TYR A 75 -2.93 21.03 2.89
C TYR A 75 -2.98 21.86 4.18
N ASN A 76 -2.63 21.22 5.30
CA ASN A 76 -2.69 21.85 6.63
C ASN A 76 -1.45 22.58 7.09
N PHE A 77 -0.33 22.38 6.41
CA PHE A 77 0.91 23.04 6.76
C PHE A 77 1.58 23.59 5.50
N THR A 78 0.77 24.02 4.54
CA THR A 78 1.29 24.55 3.28
C THR A 78 2.48 25.52 3.40
N SER A 79 2.42 26.43 4.37
CA SER A 79 3.51 27.39 4.55
C SER A 79 4.86 26.73 4.74
N HIS A 80 4.87 25.61 5.47
CA HIS A 80 6.12 24.87 5.75
C HIS A 80 6.70 24.23 4.50
N PHE A 81 5.84 23.87 3.55
CA PHE A 81 6.31 23.24 2.33
C PHE A 81 6.80 24.28 1.33
N ILE A 82 6.03 25.34 1.18
CA ILE A 82 6.35 26.41 0.26
C ILE A 82 7.64 27.12 0.69
N SER A 83 7.95 27.03 1.98
CA SER A 83 9.13 27.65 2.55
C SER A 83 10.40 26.82 2.63
N ARG A 84 10.32 25.51 2.84
CA ARG A 84 11.54 24.71 2.93
C ARG A 84 11.45 23.22 2.65
N ILE A 85 10.39 22.58 3.15
CA ILE A 85 10.22 21.15 2.96
C ILE A 85 10.20 20.72 1.49
N GLN A 86 11.00 19.71 1.19
CA GLN A 86 11.07 19.18 -0.16
C GLN A 86 10.73 17.70 -0.04
N VAL A 87 9.75 17.27 -0.82
CA VAL A 87 9.29 15.89 -0.81
C VAL A 87 9.90 15.19 -2.03
N TYR A 88 10.57 14.07 -1.80
CA TYR A 88 11.18 13.34 -2.93
C TYR A 88 10.59 11.94 -3.03
N ALA A 89 10.36 11.49 -4.25
CA ALA A 89 9.85 10.15 -4.42
C ALA A 89 9.91 9.70 -5.85
N THR A 90 9.85 8.39 -5.99
CA THR A 90 9.85 7.73 -7.27
C THR A 90 8.55 8.10 -8.01
N LEU A 91 8.61 8.23 -9.33
CA LEU A 91 7.44 8.60 -10.11
C LEU A 91 6.17 7.79 -9.81
N PRO A 92 6.26 6.45 -9.83
CA PRO A 92 5.08 5.63 -9.56
C PRO A 92 4.55 5.84 -8.15
N VAL A 93 5.43 6.06 -7.20
CA VAL A 93 4.98 6.27 -5.84
C VAL A 93 4.11 7.51 -5.78
N ILE A 94 4.49 8.52 -6.56
CA ILE A 94 3.74 9.76 -6.65
C ILE A 94 2.36 9.45 -7.25
N ASN A 95 2.36 8.89 -8.45
CA ASN A 95 1.12 8.59 -9.15
C ASN A 95 0.16 7.60 -8.47
N LEU A 96 0.65 6.45 -8.04
CA LEU A 96 -0.25 5.51 -7.36
C LEU A 96 -0.59 6.08 -5.99
N GLY A 97 0.34 6.86 -5.42
CA GLY A 97 0.09 7.47 -4.12
C GLY A 97 -1.12 8.37 -4.19
N ARG A 98 -1.36 8.96 -5.37
CA ARG A 98 -2.51 9.82 -5.49
C ARG A 98 -3.79 9.00 -5.63
N VAL A 99 -3.68 7.71 -5.98
CA VAL A 99 -4.87 6.85 -6.09
C VAL A 99 -5.17 6.23 -4.73
N SER A 100 -4.12 5.91 -3.98
CA SER A 100 -4.35 5.34 -2.68
C SER A 100 -4.89 6.44 -1.76
N THR A 101 -4.44 7.66 -1.95
CA THR A 101 -4.91 8.76 -1.10
C THR A 101 -6.37 9.09 -1.36
N ILE A 102 -6.75 9.15 -2.64
CA ILE A 102 -8.11 9.46 -3.01
C ILE A 102 -9.07 8.43 -2.41
N ASP A 103 -8.82 7.15 -2.70
CA ASP A 103 -9.68 6.09 -2.19
C ASP A 103 -9.84 6.17 -0.69
N SER A 104 -8.71 6.36 -0.03
CA SER A 104 -8.65 6.42 1.41
C SER A 104 -9.37 7.65 1.98
N TYR A 105 -9.07 8.82 1.44
CA TYR A 105 -9.71 10.03 1.91
C TYR A 105 -11.20 9.96 1.56
N ALA A 106 -11.52 9.37 0.42
CA ALA A 106 -12.93 9.25 0.00
C ALA A 106 -13.70 8.35 0.95
N SER A 107 -13.12 7.21 1.24
CA SER A 107 -13.79 6.27 2.12
C SER A 107 -14.08 6.87 3.49
N ALA A 108 -13.13 7.62 4.01
CA ALA A 108 -13.26 8.24 5.31
C ALA A 108 -14.05 9.55 5.25
N GLY A 109 -14.45 9.95 4.05
CA GLY A 109 -15.21 11.19 3.91
C GLY A 109 -14.40 12.47 3.97
N VAL A 110 -13.07 12.37 4.10
CA VAL A 110 -12.25 13.57 4.13
C VAL A 110 -12.51 14.37 2.83
N ILE A 111 -12.64 13.70 1.69
CA ILE A 111 -12.94 14.41 0.46
C ILE A 111 -14.28 13.89 -0.06
N GLY A 112 -14.83 14.57 -1.05
CA GLY A 112 -16.12 14.17 -1.59
C GLY A 112 -17.17 15.21 -1.25
N PRO A 113 -18.35 15.14 -1.88
CA PRO A 113 -19.47 16.07 -1.67
C PRO A 113 -20.26 15.68 -0.42
N TYR A 114 -19.63 15.83 0.73
CA TYR A 114 -20.26 15.47 1.98
C TYR A 114 -20.04 16.56 3.02
N ASP A 115 -20.95 16.62 3.98
CA ASP A 115 -20.87 17.61 5.04
C ASP A 115 -19.56 17.50 5.81
N THR A 116 -18.85 16.38 5.64
CA THR A 116 -17.59 16.16 6.35
C THR A 116 -16.34 16.50 5.54
N ASN A 117 -16.55 16.98 4.32
CA ASN A 117 -15.44 17.37 3.47
C ASN A 117 -14.44 18.20 4.28
N LYS A 118 -13.15 17.93 4.12
CA LYS A 118 -12.12 18.69 4.82
C LYS A 118 -11.20 19.35 3.83
N LEU A 119 -11.09 18.76 2.65
CA LEU A 119 -10.24 19.29 1.61
C LEU A 119 -10.83 18.78 0.31
N ASP A 120 -10.30 19.24 -0.82
CA ASP A 120 -10.85 18.80 -2.07
C ASP A 120 -9.93 17.89 -2.87
N LEU A 121 -10.51 17.29 -3.91
CA LEU A 121 -9.76 16.40 -4.79
C LEU A 121 -8.56 17.13 -5.39
N GLU A 122 -8.81 18.34 -5.89
CA GLU A 122 -7.75 19.13 -6.50
C GLU A 122 -6.65 19.43 -5.48
N ASP A 123 -6.97 19.28 -4.19
CA ASP A 123 -5.99 19.50 -3.15
C ASP A 123 -5.03 18.32 -3.09
N ILE A 124 -5.52 17.13 -3.44
CA ILE A 124 -4.68 15.94 -3.42
C ILE A 124 -3.74 15.97 -4.61
N GLU A 125 -4.26 16.45 -5.74
CA GLU A 125 -3.48 16.54 -6.95
C GLU A 125 -2.35 17.55 -6.73
N ILE A 126 -2.71 18.72 -6.22
CA ILE A 126 -1.72 19.76 -5.98
C ILE A 126 -0.64 19.26 -5.03
N SER A 127 -1.02 18.50 -4.00
CA SER A 127 -0.04 18.00 -3.06
C SER A 127 0.97 17.07 -3.72
N PHE A 128 0.50 16.14 -4.55
CA PHE A 128 1.42 15.24 -5.23
C PHE A 128 2.13 15.90 -6.40
N ASP A 129 1.53 16.94 -6.98
CA ASP A 129 2.16 17.63 -8.10
C ASP A 129 3.48 18.23 -7.62
N HIS A 130 3.51 18.62 -6.35
CA HIS A 130 4.68 19.25 -5.75
C HIS A 130 5.79 18.35 -5.28
N ILE A 131 5.65 17.05 -5.46
CA ILE A 131 6.69 16.14 -5.06
C ILE A 131 7.71 16.09 -6.19
N VAL A 132 9.00 16.15 -5.84
CA VAL A 132 10.09 16.12 -6.81
C VAL A 132 10.18 14.67 -7.29
N PRO A 133 9.94 14.41 -8.58
CA PRO A 133 9.99 13.06 -9.15
C PRO A 133 11.38 12.49 -9.27
N LEU A 134 11.53 11.20 -9.01
CA LEU A 134 12.83 10.54 -9.14
C LEU A 134 12.72 9.24 -9.93
N LYS A 135 13.86 8.80 -10.41
CA LYS A 135 13.98 7.55 -11.13
C LYS A 135 14.90 6.81 -10.18
N TYR A 136 14.95 5.50 -10.27
CA TYR A 136 15.86 4.75 -9.41
C TYR A 136 17.30 5.16 -9.72
N SER A 137 18.14 5.25 -8.69
CA SER A 137 19.55 5.60 -8.86
C SER A 137 19.79 7.07 -9.19
N GLN A 138 18.73 7.88 -9.23
CA GLN A 138 18.90 9.31 -9.50
C GLN A 138 19.34 9.98 -8.20
N LEU A 139 20.60 10.41 -8.15
CA LEU A 139 21.14 11.04 -6.95
C LEU A 139 20.49 12.38 -6.62
N VAL A 140 20.12 12.56 -5.36
CA VAL A 140 19.52 13.81 -4.91
C VAL A 140 20.64 14.49 -4.13
N ASP A 141 21.44 15.30 -4.81
CA ASP A 141 22.56 15.99 -4.17
C ASP A 141 22.13 17.18 -3.33
N LEU A 142 22.20 16.99 -2.02
CA LEU A 142 21.85 18.03 -1.04
C LEU A 142 23.06 18.27 -0.13
N ARG A 143 24.25 17.89 -0.63
CA ARG A 143 25.49 18.03 0.13
C ARG A 143 25.88 19.43 0.55
N SER A 144 25.59 20.42 -0.29
CA SER A 144 25.94 21.79 0.04
C SER A 144 25.00 22.42 1.04
N ARG A 145 23.70 22.33 0.76
CA ARG A 145 22.69 22.91 1.64
C ARG A 145 22.54 22.18 2.97
N TYR A 146 22.69 20.86 2.96
CA TYR A 146 22.51 20.08 4.18
C TYR A 146 23.66 19.21 4.61
N ASP A 147 24.83 19.81 4.74
CA ASP A 147 25.98 19.08 5.25
C ASP A 147 26.18 17.67 4.69
N GLY A 148 26.33 17.56 3.37
CA GLY A 148 26.59 16.25 2.78
C GLY A 148 25.45 15.27 2.59
N LEU A 149 24.21 15.73 2.76
CA LEU A 149 23.04 14.87 2.59
C LEU A 149 22.89 14.36 1.16
N THR A 150 22.86 13.05 1.02
CA THR A 150 22.62 12.49 -0.30
C THR A 150 21.57 11.41 -0.11
N LEU A 151 20.59 11.39 -1.01
CA LEU A 151 19.52 10.41 -0.97
C LEU A 151 19.52 9.68 -2.30
N LEU A 152 19.46 8.36 -2.25
CA LEU A 152 19.46 7.51 -3.45
C LEU A 152 18.34 6.48 -3.33
N ALA A 153 17.51 6.37 -4.36
CA ALA A 153 16.43 5.40 -4.30
C ALA A 153 16.71 4.20 -5.18
N TYR A 154 16.42 3.02 -4.63
CA TYR A 154 16.63 1.79 -5.37
C TYR A 154 15.35 0.97 -5.34
N ASN A 155 15.21 0.07 -6.32
CA ASN A 155 14.05 -0.78 -6.45
C ASN A 155 13.88 -1.70 -5.25
N ALA A 156 12.71 -1.62 -4.59
CA ALA A 156 12.41 -2.44 -3.43
C ALA A 156 11.50 -3.60 -3.78
N GLY A 157 10.88 -3.53 -4.97
CA GLY A 157 10.01 -4.59 -5.44
C GLY A 157 8.66 -4.89 -4.81
N VAL A 158 8.03 -3.94 -4.11
CA VAL A 158 6.71 -4.28 -3.53
C VAL A 158 5.55 -3.71 -4.37
N CYS A 159 5.72 -2.47 -4.82
CA CYS A 159 4.73 -1.80 -5.64
C CYS A 159 5.52 -1.13 -6.76
N PRO A 160 4.87 -0.81 -7.87
CA PRO A 160 5.64 -0.15 -8.92
C PRO A 160 6.24 1.10 -8.28
N GLY A 161 7.53 1.33 -8.50
CA GLY A 161 8.17 2.49 -7.92
C GLY A 161 8.62 2.30 -6.49
N GLY A 162 8.18 1.21 -5.87
CA GLY A 162 8.56 0.90 -4.50
C GLY A 162 10.06 1.06 -4.34
N SER A 163 10.49 1.58 -3.21
CA SER A 163 11.92 1.78 -3.06
C SER A 163 12.58 1.57 -1.72
N ILE A 164 13.89 1.37 -1.80
CA ILE A 164 14.75 1.18 -0.64
C ILE A 164 15.60 2.43 -0.70
N TRP A 165 15.79 3.09 0.42
CA TRP A 165 16.56 4.32 0.41
C TRP A 165 17.94 4.26 1.05
N CYS A 166 18.91 4.85 0.36
CA CYS A 166 20.27 4.90 0.84
C CYS A 166 20.51 6.35 1.22
N ILE A 167 20.41 6.63 2.51
CA ILE A 167 20.59 7.97 3.04
C ILE A 167 22.03 8.11 3.51
N SER A 168 22.65 9.26 3.22
CA SER A 168 24.02 9.48 3.62
C SER A 168 24.36 10.93 3.91
N THR A 169 25.48 11.08 4.61
CA THR A 169 26.05 12.36 4.97
C THR A 169 27.53 12.06 4.79
N TYR A 170 28.40 13.06 4.94
CA TYR A 170 29.83 12.81 4.77
C TYR A 170 30.36 11.69 5.68
N SER A 171 29.63 11.38 6.75
CA SER A 171 30.06 10.31 7.67
C SER A 171 29.03 9.20 7.87
N GLU A 172 27.83 9.56 8.31
CA GLU A 172 26.79 8.55 8.54
C GLU A 172 26.15 8.03 7.26
N LYS A 173 25.61 6.81 7.30
CA LYS A 173 24.95 6.24 6.14
C LYS A 173 23.88 5.22 6.55
N LEU A 174 22.63 5.48 6.16
CA LEU A 174 21.52 4.60 6.51
C LEU A 174 20.82 3.92 5.33
N VAL A 175 20.50 2.64 5.49
CA VAL A 175 19.77 1.92 4.46
C VAL A 175 18.36 1.76 5.01
N TYR A 176 17.40 2.39 4.35
CA TYR A 176 16.01 2.30 4.79
C TYR A 176 15.21 1.34 3.92
N ALA A 177 14.44 0.48 4.56
CA ALA A 177 13.63 -0.48 3.83
C ALA A 177 12.41 -0.86 4.65
N LYS A 178 11.29 -0.21 4.41
CA LYS A 178 10.07 -0.53 5.15
C LYS A 178 9.51 -1.82 4.53
N ARG A 179 9.38 -1.83 3.22
CA ARG A 179 8.89 -3.01 2.52
C ARG A 179 9.79 -3.32 1.34
N TRP A 180 10.14 -4.59 1.19
CA TRP A 180 10.96 -5.00 0.05
C TRP A 180 10.68 -6.46 -0.22
N ASN A 181 10.79 -6.84 -1.48
CA ASN A 181 10.55 -8.22 -1.94
C ASN A 181 11.87 -8.71 -2.54
N HIS A 182 12.47 -9.74 -1.93
CA HIS A 182 13.75 -10.29 -2.40
C HIS A 182 13.62 -11.00 -3.74
N THR A 183 12.42 -11.53 -3.99
CA THR A 183 12.13 -12.25 -5.23
C THR A 183 11.33 -11.36 -6.17
N ARG A 184 11.17 -11.83 -7.39
CA ARG A 184 10.42 -11.13 -8.41
C ARG A 184 8.95 -11.49 -8.29
N ASP A 185 8.09 -10.78 -8.98
CA ASP A 185 6.68 -11.11 -8.97
C ASP A 185 6.17 -10.96 -10.40
N ASN A 186 4.86 -10.95 -10.61
CA ASN A 186 4.40 -10.86 -12.00
C ASN A 186 4.75 -9.58 -12.75
N ILE A 187 4.86 -8.46 -12.06
CA ILE A 187 5.17 -7.21 -12.76
C ILE A 187 6.39 -6.43 -12.28
N LEU A 188 7.06 -6.90 -11.22
CA LEU A 188 8.23 -6.18 -10.71
C LEU A 188 9.47 -7.07 -10.57
N ASN A 189 10.63 -6.45 -10.61
CA ASN A 189 11.88 -7.18 -10.44
C ASN A 189 12.15 -7.30 -8.95
N ALA A 190 13.08 -8.16 -8.59
CA ALA A 190 13.44 -8.32 -7.19
C ALA A 190 14.13 -7.03 -6.70
N ALA A 191 14.19 -6.84 -5.40
CA ALA A 191 14.82 -5.66 -4.83
C ALA A 191 16.28 -5.58 -5.27
N SER A 192 16.72 -4.37 -5.60
CA SER A 192 18.09 -4.15 -6.06
C SER A 192 19.18 -4.30 -4.99
N ILE A 193 18.87 -4.96 -3.87
CA ILE A 193 19.86 -5.15 -2.80
C ILE A 193 20.95 -6.13 -3.27
N LEU A 194 20.52 -7.28 -3.76
CA LEU A 194 21.43 -8.31 -4.26
C LEU A 194 21.16 -8.46 -5.76
N ASP A 195 22.16 -8.91 -6.51
CA ASP A 195 22.01 -9.06 -7.96
C ASP A 195 21.93 -10.51 -8.43
N ALA A 196 22.36 -10.75 -9.67
CA ALA A 196 22.31 -12.08 -10.26
C ALA A 196 23.46 -13.00 -9.83
N THR A 197 24.10 -12.68 -8.72
CA THR A 197 25.20 -13.50 -8.20
C THR A 197 25.08 -13.54 -6.68
N GLY A 198 24.09 -12.81 -6.16
CA GLY A 198 23.87 -12.78 -4.72
C GLY A 198 24.83 -11.86 -4.00
N LYS A 199 25.56 -11.04 -4.74
CA LYS A 199 26.51 -10.11 -4.14
C LYS A 199 25.80 -8.79 -3.84
N PRO A 200 25.86 -8.35 -2.57
CA PRO A 200 25.21 -7.09 -2.17
C PRO A 200 25.68 -5.88 -2.98
N LEU A 201 24.75 -4.99 -3.28
CA LEU A 201 25.03 -3.78 -4.06
C LEU A 201 26.25 -3.05 -3.49
N SER A 202 27.07 -2.49 -4.38
CA SER A 202 28.28 -1.78 -3.97
C SER A 202 28.03 -0.88 -2.76
N THR A 203 27.32 0.23 -2.96
CA THR A 203 27.01 1.10 -1.84
C THR A 203 26.08 0.30 -0.96
N LEU A 204 25.68 0.87 0.17
CA LEU A 204 24.80 0.17 1.11
C LEU A 204 25.58 -0.89 1.87
N MET A 205 26.81 -1.12 1.46
CA MET A 205 27.63 -2.17 2.07
C MET A 205 27.88 -2.00 3.57
N ARG A 206 28.47 -0.88 3.98
CA ARG A 206 28.72 -0.67 5.40
C ARG A 206 27.89 0.46 5.96
N PRO A 207 26.60 0.17 6.24
CA PRO A 207 25.66 1.15 6.79
C PRO A 207 25.89 1.39 8.27
N SER A 208 25.74 2.64 8.70
CA SER A 208 25.91 2.99 10.10
C SER A 208 24.80 2.25 10.82
N ALA A 209 23.81 1.82 10.05
CA ALA A 209 22.66 1.08 10.55
C ALA A 209 21.61 0.85 9.47
N ILE A 210 20.89 -0.25 9.61
CA ILE A 210 19.84 -0.61 8.68
C ILE A 210 18.53 -0.36 9.40
N ILE A 211 17.65 0.43 8.78
CA ILE A 211 16.36 0.74 9.36
C ILE A 211 15.35 -0.08 8.60
N THR A 212 14.62 -0.93 9.30
CA THR A 212 13.63 -1.77 8.65
C THR A 212 12.62 -2.24 9.66
N THR A 213 11.92 -3.31 9.31
CA THR A 213 10.92 -3.87 10.17
C THR A 213 10.78 -5.33 9.74
N LEU A 214 10.28 -6.17 10.65
CA LEU A 214 10.11 -7.59 10.39
C LEU A 214 8.80 -8.08 10.98
N ASP A 215 7.70 -7.51 10.49
CA ASP A 215 6.38 -7.88 11.00
C ASP A 215 5.41 -8.42 9.94
N ARG A 216 5.87 -8.46 8.69
CA ARG A 216 5.07 -8.98 7.58
C ARG A 216 5.97 -9.68 6.57
N PHE A 217 5.54 -10.84 6.08
CA PHE A 217 6.35 -11.57 5.11
C PHE A 217 5.50 -12.33 4.10
N GLY A 218 6.08 -12.57 2.93
CA GLY A 218 5.39 -13.31 1.89
C GLY A 218 5.54 -14.81 2.12
N SER A 219 4.87 -15.61 1.31
CA SER A 219 4.96 -17.05 1.47
C SER A 219 6.39 -17.49 1.20
N SER A 220 6.76 -18.65 1.75
CA SER A 220 8.09 -19.19 1.55
C SER A 220 8.16 -19.90 0.20
N GLN A 221 7.04 -19.98 -0.51
CA GLN A 221 6.99 -20.62 -1.82
C GLN A 221 7.43 -19.69 -2.94
N PRO A 222 8.08 -20.23 -3.99
CA PRO A 222 8.51 -19.40 -5.11
C PRO A 222 7.31 -18.70 -5.75
N PHE A 223 7.55 -17.58 -6.43
CA PHE A 223 6.44 -16.86 -7.05
C PHE A 223 5.65 -17.70 -8.04
N LYS A 224 6.36 -18.36 -8.96
CA LYS A 224 5.71 -19.19 -9.98
C LYS A 224 4.72 -20.15 -9.35
N LYS A 225 5.06 -20.67 -8.18
CA LYS A 225 4.19 -21.61 -7.48
C LYS A 225 2.96 -20.89 -6.94
N ARG A 226 3.18 -19.75 -6.30
CA ARG A 226 2.08 -18.96 -5.74
C ARG A 226 1.16 -18.51 -6.87
N SER A 227 1.76 -18.24 -8.02
CA SER A 227 1.00 -17.80 -9.18
C SER A 227 0.01 -18.89 -9.62
N LYS A 228 0.48 -20.14 -9.71
CA LYS A 228 -0.38 -21.25 -10.11
C LYS A 228 -1.51 -21.44 -9.09
N ILE A 229 -1.14 -21.40 -7.81
CA ILE A 229 -2.13 -21.56 -6.75
C ILE A 229 -3.23 -20.51 -6.85
N PHE A 230 -2.86 -19.28 -7.21
CA PHE A 230 -3.82 -18.19 -7.33
C PHE A 230 -4.72 -18.47 -8.53
N LYS A 231 -4.10 -18.91 -9.63
CA LYS A 231 -4.82 -19.21 -10.86
C LYS A 231 -5.84 -20.34 -10.66
N ASP A 232 -5.53 -21.31 -9.82
CA ASP A 232 -6.45 -22.41 -9.56
C ASP A 232 -7.66 -21.89 -8.81
N THR A 233 -7.42 -21.12 -7.76
CA THR A 233 -8.48 -20.54 -6.95
C THR A 233 -9.45 -19.75 -7.82
N LEU A 234 -8.96 -19.21 -8.93
CA LEU A 234 -9.81 -18.45 -9.84
C LEU A 234 -10.67 -19.38 -10.70
N LYS A 235 -10.10 -20.51 -11.12
CA LYS A 235 -10.85 -21.47 -11.94
C LYS A 235 -12.02 -22.01 -11.13
N LYS A 236 -11.72 -22.44 -9.91
CA LYS A 236 -12.75 -22.99 -9.02
C LYS A 236 -13.74 -21.89 -8.64
N GLY A 237 -13.25 -20.67 -8.49
CA GLY A 237 -14.11 -19.56 -8.13
C GLY A 237 -15.12 -19.23 -9.22
N LEU A 238 -14.69 -19.39 -10.47
CA LEU A 238 -15.54 -19.13 -11.61
C LEU A 238 -16.31 -20.39 -12.03
N SER A 239 -16.05 -21.50 -11.36
CA SER A 239 -16.73 -22.77 -11.64
C SER A 239 -18.23 -22.59 -11.49
N SER A 240 -19.00 -23.34 -12.27
CA SER A 240 -20.45 -23.23 -12.23
C SER A 240 -20.79 -21.79 -12.57
N ASP A 241 -21.58 -21.15 -11.72
CA ASP A 241 -21.96 -19.77 -11.92
C ASP A 241 -20.92 -18.93 -11.17
N GLY A 242 -19.81 -19.58 -10.86
CA GLY A 242 -18.71 -18.99 -10.11
C GLY A 242 -18.41 -17.50 -10.24
N SER A 243 -18.56 -16.80 -9.13
CA SER A 243 -18.30 -15.36 -9.07
C SER A 243 -17.17 -15.12 -8.05
N VAL A 244 -16.18 -14.30 -8.42
CA VAL A 244 -15.05 -14.02 -7.52
C VAL A 244 -14.89 -12.55 -7.09
N ILE A 245 -14.67 -12.35 -5.79
CA ILE A 245 -14.48 -11.03 -5.23
C ILE A 245 -13.07 -10.95 -4.64
N ILE A 246 -12.26 -10.02 -5.14
CA ILE A 246 -10.89 -9.88 -4.64
C ILE A 246 -10.58 -8.49 -4.06
N PRO A 247 -10.61 -8.36 -2.71
CA PRO A 247 -10.33 -7.08 -2.05
C PRO A 247 -8.89 -6.73 -2.35
N VAL A 248 -8.64 -5.49 -2.74
CA VAL A 248 -7.27 -5.14 -3.07
C VAL A 248 -6.87 -3.68 -2.83
N ASP A 249 -5.57 -3.48 -2.65
CA ASP A 249 -5.01 -2.15 -2.46
C ASP A 249 -4.71 -1.76 -3.92
N MET A 250 -5.30 -0.68 -4.40
CA MET A 250 -5.10 -0.26 -5.79
C MET A 250 -3.65 0.10 -6.12
N SER A 251 -2.87 0.49 -5.13
CA SER A 251 -1.49 0.81 -5.43
C SER A 251 -0.57 -0.38 -5.11
N GLY A 252 -1.13 -1.39 -4.44
CA GLY A 252 -0.34 -2.56 -4.08
C GLY A 252 -0.54 -3.77 -4.99
N LYS A 253 -1.26 -4.76 -4.48
CA LYS A 253 -1.53 -6.01 -5.18
C LYS A 253 -2.37 -5.95 -6.47
N PHE A 254 -3.21 -4.94 -6.63
CA PHE A 254 -4.07 -4.87 -7.81
C PHE A 254 -3.38 -5.09 -9.15
N LEU A 255 -2.41 -4.24 -9.47
CA LEU A 255 -1.70 -4.34 -10.73
C LEU A 255 -1.04 -5.71 -10.93
N ASP A 256 -0.59 -6.31 -9.84
CA ASP A 256 0.06 -7.61 -9.91
C ASP A 256 -0.99 -8.66 -10.29
N LEU A 257 -2.03 -8.75 -9.48
CA LEU A 257 -3.11 -9.72 -9.69
C LEU A 257 -3.88 -9.53 -11.00
N PHE A 258 -4.13 -8.29 -11.39
CA PHE A 258 -4.86 -8.00 -12.63
C PHE A 258 -4.12 -8.67 -13.77
N THR A 259 -2.82 -8.41 -13.80
CA THR A 259 -1.96 -8.98 -14.80
C THR A 259 -2.03 -10.50 -14.76
N GLN A 260 -2.22 -11.06 -13.57
CA GLN A 260 -2.30 -12.51 -13.43
C GLN A 260 -3.64 -13.11 -13.86
N VAL A 261 -4.74 -12.38 -13.66
CA VAL A 261 -6.02 -12.93 -14.09
C VAL A 261 -6.13 -12.70 -15.59
N HIS A 262 -5.33 -11.78 -16.11
CA HIS A 262 -5.33 -11.48 -17.54
C HIS A 262 -4.58 -12.61 -18.26
N GLU A 263 -3.55 -13.14 -17.59
CA GLU A 263 -2.71 -14.22 -18.10
C GLU A 263 -3.45 -15.55 -17.97
N LEU A 264 -4.68 -15.48 -17.51
CA LEU A 264 -5.50 -16.68 -17.34
C LEU A 264 -6.69 -16.60 -18.29
N LEU A 265 -7.20 -15.39 -18.49
CA LEU A 265 -8.34 -15.15 -19.38
C LEU A 265 -7.93 -15.29 -20.83
N PHE A 266 -6.95 -14.50 -21.25
CA PHE A 266 -6.48 -14.56 -22.62
C PHE A 266 -5.45 -15.68 -22.74
N GLU A 267 -5.89 -16.88 -22.39
CA GLU A 267 -5.09 -18.09 -22.45
C GLU A 267 -6.06 -19.26 -22.34
N SER A 268 -7.23 -19.11 -22.96
CA SER A 268 -8.26 -20.14 -22.96
C SER A 268 -9.26 -19.88 -24.09
N GLN A 276 -18.70 -12.68 -22.23
CA GLN A 276 -17.63 -13.33 -21.47
C GLN A 276 -17.55 -12.82 -20.03
N VAL A 277 -16.88 -13.58 -19.18
CA VAL A 277 -16.73 -13.20 -17.77
C VAL A 277 -16.00 -11.86 -17.69
N PRO A 278 -16.71 -10.79 -17.26
CA PRO A 278 -16.15 -9.44 -17.14
C PRO A 278 -15.21 -9.27 -15.94
N VAL A 279 -14.39 -8.23 -15.99
CA VAL A 279 -13.47 -7.89 -14.90
C VAL A 279 -13.91 -6.54 -14.34
N LEU A 280 -14.58 -6.56 -13.20
CA LEU A 280 -15.08 -5.35 -12.57
C LEU A 280 -14.05 -4.67 -11.64
N ILE A 281 -14.00 -3.34 -11.69
CA ILE A 281 -13.08 -2.59 -10.86
C ILE A 281 -13.86 -1.53 -10.07
N LEU A 282 -13.91 -1.71 -8.75
CA LEU A 282 -14.59 -0.77 -7.88
C LEU A 282 -13.54 -0.03 -7.08
N SER A 283 -13.32 1.22 -7.44
CA SER A 283 -12.35 2.05 -6.76
C SER A 283 -12.81 3.50 -6.91
N TYR A 284 -12.66 4.29 -5.86
CA TYR A 284 -13.05 5.69 -5.93
C TYR A 284 -12.22 6.41 -6.99
N ALA A 285 -11.03 5.89 -7.26
CA ALA A 285 -10.17 6.51 -8.27
C ALA A 285 -10.53 5.97 -9.63
N ARG A 286 -11.52 5.08 -9.63
CA ARG A 286 -12.05 4.43 -10.82
C ARG A 286 -10.97 3.81 -11.69
N GLY A 287 -10.88 4.23 -12.95
CA GLY A 287 -9.91 3.66 -13.87
C GLY A 287 -8.49 4.17 -13.81
N ARG A 288 -8.26 5.26 -13.11
CA ARG A 288 -6.93 5.86 -12.99
C ARG A 288 -5.74 4.91 -12.69
N THR A 289 -5.94 3.86 -11.90
CA THR A 289 -4.82 2.99 -11.62
C THR A 289 -4.32 2.29 -12.87
N LEU A 290 -5.24 1.95 -13.78
CA LEU A 290 -4.87 1.28 -15.04
C LEU A 290 -4.22 2.28 -16.01
N THR A 291 -4.77 3.49 -16.06
CA THR A 291 -4.20 4.52 -16.93
C THR A 291 -2.74 4.74 -16.52
N TYR A 292 -2.57 5.14 -15.27
CA TYR A 292 -1.25 5.38 -14.71
C TYR A 292 -0.27 4.26 -15.02
N ALA A 293 -0.73 3.02 -14.85
CA ALA A 293 0.10 1.86 -15.11
C ALA A 293 0.56 1.79 -16.56
N LYS A 294 -0.33 2.11 -17.49
CA LYS A 294 0.00 2.08 -18.91
C LYS A 294 1.10 3.10 -19.27
N SER A 295 1.20 4.16 -18.48
CA SER A 295 2.20 5.19 -18.74
C SER A 295 3.47 5.07 -17.89
N MET A 296 3.66 3.92 -17.24
CA MET A 296 4.84 3.69 -16.41
C MET A 296 5.49 2.33 -16.69
N LEU A 297 5.41 1.89 -17.94
CA LEU A 297 5.98 0.61 -18.34
C LEU A 297 7.47 0.46 -18.08
N GLU A 298 8.22 1.56 -18.19
CA GLU A 298 9.66 1.50 -17.96
C GLU A 298 9.99 1.14 -16.51
N TRP A 299 9.00 1.11 -15.64
CA TRP A 299 9.22 0.74 -14.24
C TRP A 299 8.96 -0.74 -13.96
N LEU A 300 8.27 -1.42 -14.86
CA LEU A 300 7.98 -2.84 -14.67
C LEU A 300 9.10 -3.73 -15.23
N SER A 301 9.12 -5.01 -14.84
CA SER A 301 10.14 -5.94 -15.33
C SER A 301 10.00 -6.17 -16.84
N PRO A 302 11.13 -6.30 -17.55
CA PRO A 302 11.10 -6.49 -19.01
C PRO A 302 10.35 -7.76 -19.41
N SER A 303 10.50 -8.81 -18.60
CA SER A 303 9.84 -10.08 -18.84
C SER A 303 8.35 -9.89 -19.09
N LEU A 304 7.69 -9.20 -18.16
CA LEU A 304 6.26 -8.93 -18.26
C LEU A 304 5.95 -8.22 -19.57
N LEU A 305 6.69 -7.15 -19.86
CA LEU A 305 6.48 -6.38 -21.07
C LEU A 305 6.62 -7.19 -22.35
N LYS A 306 7.68 -7.98 -22.45
CA LYS A 306 7.90 -8.78 -23.65
C LYS A 306 6.83 -9.88 -23.75
N THR A 307 6.51 -10.50 -22.63
CA THR A 307 5.48 -11.54 -22.61
C THR A 307 4.23 -11.06 -23.35
N TRP A 308 3.89 -9.79 -23.19
CA TRP A 308 2.70 -9.23 -23.84
C TRP A 308 2.93 -8.61 -25.20
N GLU A 309 4.18 -8.33 -25.51
CA GLU A 309 4.51 -7.75 -26.80
C GLU A 309 4.32 -8.83 -27.87
N ASN A 310 4.81 -10.03 -27.57
CA ASN A 310 4.70 -11.14 -28.50
C ASN A 310 3.28 -11.32 -29.03
N ARG A 311 2.29 -10.90 -28.24
CA ARG A 311 0.91 -10.98 -28.68
C ARG A 311 0.74 -9.77 -29.61
N ASN A 312 -0.48 -9.31 -29.82
CA ASN A 312 -0.68 -8.13 -30.68
C ASN A 312 -0.05 -6.95 -29.92
N ASN A 313 -0.44 -5.72 -30.25
CA ASN A 313 0.10 -4.56 -29.55
C ASN A 313 -0.65 -4.48 -28.22
N THR A 314 -0.94 -5.65 -27.65
CA THR A 314 -1.69 -5.78 -26.39
C THR A 314 -0.89 -5.39 -25.15
N SER A 315 -1.45 -4.46 -24.36
CA SER A 315 -0.80 -4.02 -23.12
C SER A 315 -1.12 -5.04 -22.05
N PRO A 316 -0.29 -5.11 -21.01
CA PRO A 316 -0.56 -6.09 -19.95
C PRO A 316 -1.79 -5.63 -19.16
N PHE A 317 -2.17 -4.37 -19.34
CA PHE A 317 -3.29 -3.77 -18.62
C PHE A 317 -4.57 -3.55 -19.42
N GLU A 318 -4.80 -4.39 -20.42
CA GLU A 318 -6.02 -4.27 -21.22
C GLU A 318 -6.56 -5.64 -21.58
N ILE A 319 -7.87 -5.81 -21.42
CA ILE A 319 -8.49 -7.09 -21.72
C ILE A 319 -9.75 -6.91 -22.55
N GLY A 320 -9.57 -6.70 -23.85
CA GLY A 320 -10.70 -6.53 -24.73
C GLY A 320 -11.79 -5.66 -24.13
N SER A 321 -13.04 -6.08 -24.30
CA SER A 321 -14.17 -5.34 -23.77
C SER A 321 -14.57 -5.85 -22.38
N ARG A 322 -13.64 -6.54 -21.73
CA ARG A 322 -13.84 -7.10 -20.41
C ARG A 322 -13.99 -6.09 -19.27
N ILE A 323 -12.94 -5.29 -19.04
CA ILE A 323 -12.95 -4.32 -17.96
C ILE A 323 -14.15 -3.40 -17.92
N LYS A 324 -14.67 -3.23 -16.69
CA LYS A 324 -15.82 -2.39 -16.42
C LYS A 324 -15.52 -1.60 -15.15
N ILE A 325 -15.66 -0.29 -15.21
CA ILE A 325 -15.41 0.56 -14.05
C ILE A 325 -16.76 0.93 -13.50
N ILE A 326 -17.10 0.37 -12.34
CA ILE A 326 -18.41 0.59 -11.75
C ILE A 326 -18.41 0.81 -10.24
N ALA A 327 -19.59 1.18 -9.71
CA ALA A 327 -19.77 1.40 -8.28
C ALA A 327 -20.61 0.22 -7.75
N PRO A 328 -20.70 0.07 -6.41
CA PRO A 328 -21.47 -1.02 -5.81
C PRO A 328 -22.93 -1.09 -6.22
N ASN A 329 -23.63 0.04 -6.19
CA ASN A 329 -25.03 0.03 -6.58
C ASN A 329 -25.21 -0.27 -8.07
N GLU A 330 -24.20 -0.90 -8.66
CA GLU A 330 -24.22 -1.29 -10.07
C GLU A 330 -23.79 -2.75 -10.19
N LEU A 331 -23.52 -3.38 -9.06
CA LEU A 331 -23.09 -4.78 -9.07
C LEU A 331 -24.22 -5.66 -9.57
N SER A 332 -25.45 -5.23 -9.31
CA SER A 332 -26.63 -5.97 -9.74
C SER A 332 -26.60 -6.22 -11.26
N LYS A 333 -26.19 -5.21 -12.01
CA LYS A 333 -26.14 -5.32 -13.47
C LYS A 333 -25.36 -6.54 -13.98
N TYR A 334 -24.47 -7.09 -13.18
CA TYR A 334 -23.68 -8.24 -13.59
C TYR A 334 -24.06 -9.47 -12.76
N PRO A 335 -25.05 -10.23 -13.25
CA PRO A 335 -25.65 -11.44 -12.67
C PRO A 335 -24.72 -12.60 -12.37
N GLY A 336 -24.27 -13.27 -13.43
CA GLY A 336 -23.43 -14.44 -13.27
C GLY A 336 -21.94 -14.24 -13.02
N SER A 337 -21.16 -15.21 -13.47
CA SER A 337 -19.70 -15.19 -13.33
C SER A 337 -19.11 -13.81 -13.57
N LYS A 338 -18.12 -13.48 -12.77
CA LYS A 338 -17.44 -12.19 -12.87
C LYS A 338 -16.34 -12.07 -11.84
N ILE A 339 -15.17 -11.57 -12.27
CA ILE A 339 -14.06 -11.37 -11.35
C ILE A 339 -14.16 -9.91 -10.91
N CYS A 340 -14.17 -9.71 -9.59
CA CYS A 340 -14.34 -8.38 -9.04
C CYS A 340 -13.23 -7.89 -8.12
N PHE A 341 -12.49 -6.89 -8.57
CA PHE A 341 -11.43 -6.29 -7.77
C PHE A 341 -12.02 -5.11 -7.02
N VAL A 342 -12.03 -5.19 -5.68
CA VAL A 342 -12.57 -4.10 -4.89
C VAL A 342 -11.47 -3.44 -4.04
N SER A 343 -11.37 -2.11 -4.13
CA SER A 343 -10.38 -1.36 -3.34
C SER A 343 -10.67 -1.67 -1.89
N GLU A 344 -9.70 -2.28 -1.20
CA GLU A 344 -9.86 -2.71 0.18
C GLU A 344 -10.13 -1.59 1.18
N VAL A 345 -10.99 -0.68 0.79
CA VAL A 345 -11.34 0.43 1.64
C VAL A 345 -12.75 0.15 2.18
N GLY A 346 -12.91 0.30 3.50
CA GLY A 346 -14.17 0.03 4.17
C GLY A 346 -15.50 0.49 3.59
N ALA A 347 -15.52 1.67 2.99
CA ALA A 347 -16.78 2.17 2.44
C ALA A 347 -17.22 1.37 1.24
N LEU A 348 -16.26 0.79 0.51
CA LEU A 348 -16.61 0.01 -0.67
C LEU A 348 -16.76 -1.45 -0.34
N ILE A 349 -15.78 -1.98 0.39
CA ILE A 349 -15.79 -3.38 0.78
C ILE A 349 -17.09 -3.75 1.46
N ASN A 350 -17.48 -2.94 2.44
CA ASN A 350 -18.68 -3.20 3.18
C ASN A 350 -19.94 -3.22 2.35
N GLU A 351 -20.02 -2.39 1.31
CA GLU A 351 -21.21 -2.39 0.48
C GLU A 351 -21.24 -3.65 -0.39
N VAL A 352 -20.07 -4.12 -0.81
CA VAL A 352 -20.00 -5.32 -1.64
C VAL A 352 -20.33 -6.59 -0.88
N ILE A 353 -19.76 -6.76 0.31
CA ILE A 353 -20.05 -7.95 1.11
C ILE A 353 -21.54 -8.05 1.42
N ILE A 354 -22.17 -6.90 1.63
CA ILE A 354 -23.58 -6.85 1.90
C ILE A 354 -24.42 -7.26 0.70
N LYS A 355 -23.88 -7.02 -0.50
CA LYS A 355 -24.59 -7.35 -1.73
C LYS A 355 -24.32 -8.72 -2.31
N VAL A 356 -23.21 -9.35 -1.93
CA VAL A 356 -22.87 -10.61 -2.51
C VAL A 356 -22.41 -11.68 -1.53
N GLY A 357 -22.39 -11.35 -0.25
CA GLY A 357 -21.96 -12.30 0.76
C GLY A 357 -22.97 -13.37 1.12
N ASN A 358 -24.22 -13.11 0.79
CA ASN A 358 -25.29 -14.05 1.07
C ASN A 358 -25.39 -15.17 0.03
N SER A 359 -24.85 -14.94 -1.15
CA SER A 359 -24.87 -15.93 -2.24
C SER A 359 -23.78 -16.99 -2.12
N GLU A 360 -24.12 -18.23 -2.45
CA GLU A 360 -23.18 -19.34 -2.38
C GLU A 360 -22.31 -19.41 -3.63
N LYS A 361 -22.72 -18.67 -4.64
CA LYS A 361 -21.98 -18.65 -5.90
C LYS A 361 -20.88 -17.58 -5.86
N THR A 362 -20.58 -17.13 -4.65
CA THR A 362 -19.57 -16.10 -4.41
C THR A 362 -18.35 -16.67 -3.70
N THR A 363 -17.16 -16.36 -4.21
CA THR A 363 -15.92 -16.81 -3.58
C THR A 363 -15.03 -15.61 -3.23
N LEU A 364 -14.84 -15.37 -1.92
CA LEU A 364 -14.01 -14.26 -1.43
C LEU A 364 -12.55 -14.70 -1.36
N ILE A 365 -11.70 -14.07 -2.16
CA ILE A 365 -10.27 -14.42 -2.16
C ILE A 365 -9.49 -13.38 -1.36
N LEU A 366 -8.95 -13.80 -0.21
CA LEU A 366 -8.18 -12.89 0.63
C LEU A 366 -6.70 -13.16 0.46
N THR A 367 -6.01 -12.14 -0.04
CA THR A 367 -4.59 -12.18 -0.33
C THR A 367 -3.61 -11.93 0.81
N LYS A 368 -4.10 -11.50 1.98
CA LYS A 368 -3.17 -11.23 3.06
C LYS A 368 -3.73 -11.38 4.46
N PRO A 369 -2.84 -11.56 5.44
CA PRO A 369 -3.11 -11.75 6.87
C PRO A 369 -4.08 -10.77 7.54
N SER A 370 -4.05 -9.50 7.14
CA SER A 370 -4.97 -8.52 7.71
C SER A 370 -5.29 -7.35 6.80
N PHE A 371 -6.32 -6.60 7.17
CA PHE A 371 -6.76 -5.44 6.38
C PHE A 371 -6.96 -4.25 7.31
N GLU A 372 -6.03 -3.31 7.27
CA GLU A 372 -6.09 -2.12 8.11
C GLU A 372 -7.21 -1.14 7.86
N CYS A 373 -7.74 -1.09 6.64
CA CYS A 373 -8.81 -0.13 6.33
C CYS A 373 -10.18 -0.76 6.18
N ALA A 374 -10.29 -2.06 6.46
CA ALA A 374 -11.57 -2.75 6.34
C ALA A 374 -11.75 -3.75 7.48
N SER A 375 -12.38 -3.31 8.55
CA SER A 375 -12.60 -4.17 9.71
C SER A 375 -13.39 -5.44 9.37
N SER A 376 -14.22 -5.37 8.34
CA SER A 376 -15.04 -6.52 7.96
C SER A 376 -14.24 -7.73 7.49
N LEU A 377 -13.18 -7.47 6.72
CA LEU A 377 -12.35 -8.55 6.22
C LEU A 377 -11.56 -9.19 7.34
N ASP A 378 -11.23 -8.40 8.35
CA ASP A 378 -10.52 -8.97 9.48
C ASP A 378 -11.50 -9.89 10.21
N LYS A 379 -12.73 -9.45 10.38
CA LYS A 379 -13.75 -10.26 11.05
C LYS A 379 -13.96 -11.55 10.28
N ILE A 380 -13.95 -11.45 8.96
CA ILE A 380 -14.13 -12.62 8.11
C ILE A 380 -12.91 -13.53 8.23
N LEU A 381 -11.76 -12.96 8.51
CA LEU A 381 -10.56 -13.77 8.68
C LEU A 381 -10.68 -14.62 9.94
N GLU A 382 -11.10 -14.00 11.04
CA GLU A 382 -11.24 -14.71 12.30
C GLU A 382 -12.17 -15.90 12.21
N ILE A 383 -13.31 -15.72 11.56
CA ILE A 383 -14.27 -16.81 11.42
C ILE A 383 -13.63 -18.05 10.78
N VAL A 384 -12.89 -17.83 9.69
CA VAL A 384 -12.24 -18.92 8.98
C VAL A 384 -11.13 -19.55 9.83
N GLU A 385 -10.27 -18.72 10.40
CA GLU A 385 -9.17 -19.20 11.23
C GLU A 385 -9.70 -19.81 12.52
N GLN A 386 -10.94 -19.47 12.85
CA GLN A 386 -11.58 -19.97 14.07
C GLN A 386 -12.12 -21.38 13.83
N ASP A 387 -12.08 -21.84 12.58
CA ASP A 387 -12.54 -23.19 12.23
C ASP A 387 -11.40 -24.08 11.73
N GLU A 388 -10.84 -24.86 12.63
CA GLU A 388 -9.74 -25.77 12.33
C GLU A 388 -8.63 -25.00 11.60
N ASP A 397 -4.42 -26.42 0.60
CA ASP A 397 -3.81 -25.12 0.36
C ASP A 397 -4.55 -24.36 -0.74
N GLY A 398 -5.66 -23.74 -0.34
CA GLY A 398 -6.48 -23.00 -1.27
C GLY A 398 -7.90 -23.51 -1.14
N LYS A 399 -8.14 -24.28 -0.07
CA LYS A 399 -9.44 -24.86 0.21
C LYS A 399 -10.49 -23.77 0.39
N SER A 400 -11.68 -24.00 -0.16
CA SER A 400 -12.78 -23.04 -0.08
C SER A 400 -13.65 -23.25 1.15
N PHE A 401 -13.29 -22.61 2.26
CA PHE A 401 -14.10 -22.73 3.47
C PHE A 401 -15.50 -22.16 3.20
N LEU A 402 -16.53 -22.97 3.41
CA LEU A 402 -17.88 -22.51 3.16
C LEU A 402 -18.39 -21.79 4.41
N CYS A 403 -18.92 -20.58 4.23
CA CYS A 403 -19.42 -19.79 5.34
C CYS A 403 -20.85 -20.08 5.68
N ASP A 404 -21.13 -19.99 6.98
CA ASP A 404 -22.46 -20.21 7.52
C ASP A 404 -22.44 -19.44 8.83
N ASN A 405 -22.29 -18.12 8.74
CA ASN A 405 -22.20 -17.26 9.93
C ASN A 405 -22.75 -15.84 9.70
N TYR A 406 -23.19 -15.20 10.78
CA TYR A 406 -23.66 -13.84 10.68
C TYR A 406 -22.51 -12.91 11.10
N ILE A 407 -22.50 -11.69 10.58
CA ILE A 407 -21.46 -10.71 10.94
C ILE A 407 -22.04 -9.30 10.93
N SER A 408 -21.56 -8.45 11.85
CA SER A 408 -22.00 -7.05 11.90
C SER A 408 -21.17 -6.27 10.88
N ILE A 409 -21.85 -5.46 10.08
CA ILE A 409 -21.19 -4.68 9.06
C ILE A 409 -21.80 -3.30 9.07
N ASP A 410 -20.97 -2.26 8.98
CA ASP A 410 -21.49 -0.90 8.95
C ASP A 410 -21.76 -0.52 7.50
N THR A 411 -22.90 0.12 7.27
CA THR A 411 -23.32 0.53 5.93
C THR A 411 -23.64 2.01 5.88
N ILE A 412 -23.39 2.60 4.72
CA ILE A 412 -23.62 4.01 4.49
C ILE A 412 -24.80 4.27 3.55
N LYS A 413 -25.68 5.19 3.95
CA LYS A 413 -26.82 5.60 3.15
C LYS A 413 -26.65 7.11 3.02
N GLU A 414 -26.47 7.59 1.80
CA GLU A 414 -26.28 9.01 1.59
C GLU A 414 -27.60 9.75 1.61
N GLU A 415 -27.77 10.62 2.60
CA GLU A 415 -28.98 11.40 2.74
C GLU A 415 -28.72 12.82 2.27
N PRO A 416 -29.73 13.48 1.65
CA PRO A 416 -29.61 14.85 1.15
C PRO A 416 -29.20 15.80 2.25
N LEU A 417 -28.29 16.71 1.94
CA LEU A 417 -27.84 17.66 2.95
C LEU A 417 -28.90 18.69 3.28
N SER A 418 -29.69 18.39 4.29
CA SER A 418 -30.74 19.30 4.74
C SER A 418 -30.34 19.81 6.11
N LYS A 419 -29.38 19.13 6.73
CA LYS A 419 -28.88 19.52 8.04
C LYS A 419 -28.05 20.80 7.84
N GLU A 420 -28.60 21.66 7.00
CA GLU A 420 -28.03 22.95 6.65
C GLU A 420 -26.72 22.89 5.89
N GLU A 421 -26.80 23.30 4.64
CA GLU A 421 -25.67 23.35 3.74
C GLU A 421 -24.87 24.62 4.03
N THR A 422 -25.59 25.65 4.48
CA THR A 422 -24.97 26.94 4.80
C THR A 422 -24.23 26.86 6.13
N ASN A 626 -14.86 9.28 -17.40
CA ASN A 626 -15.14 8.36 -18.50
C ASN A 626 -14.48 7.04 -18.19
N PHE A 627 -13.41 7.13 -17.42
CA PHE A 627 -12.60 5.98 -17.02
C PHE A 627 -11.63 6.60 -15.99
N ASP A 628 -11.47 7.93 -16.07
CA ASP A 628 -10.58 8.68 -15.18
C ASP A 628 -11.29 9.89 -14.58
N ASN A 629 -12.48 10.19 -15.08
CA ASN A 629 -13.24 11.34 -14.58
C ASN A 629 -13.67 11.17 -13.13
N LEU A 630 -13.30 12.13 -12.28
CA LEU A 630 -13.64 12.07 -10.87
C LEU A 630 -14.45 13.28 -10.42
N ASP A 631 -15.19 13.88 -11.34
CA ASP A 631 -15.98 15.05 -11.00
C ASP A 631 -16.99 14.72 -9.92
N TYR A 632 -17.38 13.45 -9.84
CA TYR A 632 -18.35 13.03 -8.82
C TYR A 632 -17.84 13.26 -7.41
N LEU A 633 -16.52 13.34 -7.26
CA LEU A 633 -15.91 13.59 -5.95
C LEU A 633 -15.83 15.09 -5.63
N LYS A 634 -16.04 15.91 -6.65
CA LYS A 634 -16.00 17.36 -6.48
C LYS A 634 -17.36 17.85 -6.00
N ILE A 635 -17.42 19.08 -5.50
CA ILE A 635 -18.68 19.67 -5.03
C ILE A 635 -19.32 20.54 -6.11
N ASP A 636 -20.59 20.28 -6.43
CA ASP A 636 -21.30 21.04 -7.45
C ASP A 636 -22.51 21.76 -6.87
N LYS A 637 -23.49 20.99 -6.41
CA LYS A 637 -24.70 21.56 -5.82
C LYS A 637 -25.41 20.47 -5.01
N THR A 638 -25.01 19.22 -5.25
CA THR A 638 -25.61 18.10 -4.53
C THR A 638 -24.68 17.52 -3.47
N LEU A 639 -24.88 17.96 -2.24
CA LEU A 639 -24.11 17.46 -1.12
C LEU A 639 -25.00 16.43 -0.43
N SER A 640 -24.48 15.82 0.63
CA SER A 640 -25.24 14.86 1.39
C SER A 640 -24.45 14.41 2.61
N LYS A 641 -25.14 13.81 3.56
CA LYS A 641 -24.49 13.32 4.76
C LYS A 641 -24.44 11.81 4.64
N ARG A 642 -23.38 11.19 5.14
CA ARG A 642 -23.27 9.74 5.08
C ARG A 642 -23.78 9.24 6.42
N THR A 643 -24.96 8.64 6.42
CA THR A 643 -25.54 8.13 7.64
C THR A 643 -25.18 6.65 7.75
N ILE A 644 -24.49 6.33 8.85
CA ILE A 644 -24.04 4.98 9.12
C ILE A 644 -25.07 4.24 9.96
N SER A 645 -25.13 2.93 9.77
CA SER A 645 -26.04 2.08 10.53
C SER A 645 -25.39 0.73 10.53
N THR A 646 -25.54 -0.01 11.62
CA THR A 646 -24.95 -1.32 11.69
C THR A 646 -26.00 -2.32 11.24
N VAL A 647 -25.58 -3.18 10.33
CA VAL A 647 -26.45 -4.16 9.75
C VAL A 647 -25.92 -5.57 10.00
N ASN A 648 -26.77 -6.56 9.82
CA ASN A 648 -26.35 -7.94 10.00
C ASN A 648 -26.43 -8.71 8.69
N VAL A 649 -25.34 -9.39 8.36
CA VAL A 649 -25.27 -10.16 7.13
C VAL A 649 -24.88 -11.62 7.41
N GLN A 650 -25.65 -12.54 6.82
CA GLN A 650 -25.39 -13.96 6.99
C GLN A 650 -24.54 -14.43 5.82
N LEU A 651 -23.31 -14.80 6.10
CA LEU A 651 -22.41 -15.25 5.05
C LEU A 651 -22.71 -16.67 4.64
N LYS A 652 -22.76 -16.90 3.34
CA LYS A 652 -23.03 -18.21 2.78
C LYS A 652 -22.05 -18.39 1.63
N CYS A 653 -21.29 -17.32 1.40
CA CYS A 653 -20.29 -17.29 0.34
C CYS A 653 -19.12 -18.19 0.73
N SER A 654 -18.18 -18.33 -0.20
CA SER A 654 -17.01 -19.15 0.04
C SER A 654 -15.81 -18.21 0.25
N VAL A 655 -14.85 -18.63 1.07
CA VAL A 655 -13.67 -17.82 1.37
C VAL A 655 -12.33 -18.55 1.23
N VAL A 656 -11.41 -17.99 0.45
CA VAL A 656 -10.10 -18.59 0.27
C VAL A 656 -9.05 -17.64 0.84
N ILE A 657 -8.08 -18.18 1.55
CA ILE A 657 -7.03 -17.40 2.18
C ILE A 657 -5.63 -17.78 1.69
N LEU A 658 -4.97 -16.84 1.02
CA LEU A 658 -3.63 -17.08 0.51
C LEU A 658 -2.70 -15.98 1.03
N ASN A 659 -1.40 -16.18 0.80
CA ASN A 659 -0.41 -15.17 1.17
C ASN A 659 0.26 -14.78 -0.14
N LEU A 660 -0.34 -13.84 -0.85
CA LEU A 660 0.17 -13.37 -2.12
C LEU A 660 0.92 -12.04 -1.96
N GLN A 661 1.25 -11.71 -0.72
CA GLN A 661 1.96 -10.47 -0.45
C GLN A 661 3.32 -10.48 -1.14
N SER A 662 3.57 -9.47 -1.97
CA SER A 662 4.85 -9.37 -2.66
C SER A 662 5.90 -8.85 -1.68
N LEU A 663 6.15 -9.63 -0.64
CA LEU A 663 7.13 -9.28 0.37
C LEU A 663 8.10 -10.42 0.62
N VAL A 664 9.28 -10.07 1.13
CA VAL A 664 10.31 -11.07 1.44
C VAL A 664 9.85 -12.02 2.56
N ASP A 665 10.07 -13.32 2.35
CA ASP A 665 9.70 -14.33 3.35
C ASP A 665 10.66 -14.25 4.53
N GLN A 666 10.24 -14.83 5.66
CA GLN A 666 11.04 -14.79 6.90
C GLN A 666 12.48 -15.31 6.81
N ARG A 667 12.67 -16.44 6.12
CA ARG A 667 14.00 -17.03 6.00
C ARG A 667 14.99 -16.12 5.29
N SER A 668 14.63 -15.71 4.08
CA SER A 668 15.47 -14.86 3.26
C SER A 668 15.91 -13.57 3.96
N ALA A 669 15.02 -12.97 4.74
CA ALA A 669 15.32 -11.72 5.43
C ALA A 669 16.50 -11.86 6.38
N SER A 670 16.50 -12.93 7.15
CA SER A 670 17.57 -13.19 8.11
C SER A 670 18.90 -13.50 7.43
N ILE A 671 18.83 -13.90 6.17
CA ILE A 671 20.03 -14.25 5.40
C ILE A 671 20.61 -13.10 4.59
N ILE A 672 19.74 -12.29 4.00
CA ILE A 672 20.16 -11.17 3.17
C ILE A 672 20.64 -9.95 3.98
N TRP A 673 19.84 -9.51 4.93
CA TRP A 673 20.20 -8.35 5.75
C TRP A 673 21.63 -8.39 6.30
N PRO A 674 22.10 -9.56 6.72
CA PRO A 674 23.47 -9.64 7.26
C PRO A 674 24.55 -9.54 6.18
N SER A 675 24.16 -9.77 4.93
CA SER A 675 25.10 -9.73 3.80
C SER A 675 25.76 -8.35 3.71
N LEU A 676 25.20 -7.38 4.43
CA LEU A 676 25.74 -6.03 4.47
C LEU A 676 26.51 -6.02 5.78
N LYS A 677 27.77 -5.59 5.74
CA LYS A 677 28.58 -5.56 6.95
C LYS A 677 28.07 -4.49 7.90
N SER A 678 26.79 -4.58 8.27
CA SER A 678 26.19 -3.60 9.16
C SER A 678 26.21 -4.08 10.60
N ARG A 679 26.59 -3.18 11.51
CA ARG A 679 26.63 -3.53 12.93
C ARG A 679 25.25 -3.42 13.57
N LYS A 680 24.40 -2.53 13.07
CA LYS A 680 23.07 -2.38 13.65
C LYS A 680 21.92 -2.47 12.67
N ILE A 681 20.82 -3.03 13.15
CA ILE A 681 19.58 -3.15 12.39
C ILE A 681 18.55 -2.58 13.35
N VAL A 682 17.89 -1.51 12.95
CA VAL A 682 16.88 -0.89 13.80
C VAL A 682 15.46 -1.19 13.33
N LEU A 683 14.64 -1.73 14.22
CA LEU A 683 13.27 -2.05 13.87
C LEU A 683 12.34 -0.97 14.40
N SER A 684 11.27 -0.71 13.66
CA SER A 684 10.31 0.32 14.02
C SER A 684 9.17 -0.15 14.89
N ALA A 685 8.08 0.62 14.85
CA ALA A 685 6.82 0.34 15.55
C ALA A 685 7.04 -0.21 16.94
N PRO A 686 6.12 -1.07 17.45
CA PRO A 686 6.35 -1.60 18.79
C PRO A 686 7.07 -2.96 18.64
N LYS A 687 7.75 -3.41 19.69
CA LYS A 687 8.46 -4.68 19.63
C LYS A 687 7.51 -5.83 19.29
N GLN A 688 6.40 -5.90 20.03
CA GLN A 688 5.40 -6.95 19.86
C GLN A 688 5.07 -7.45 18.45
N ILE A 689 5.34 -6.65 17.42
CA ILE A 689 5.03 -7.10 16.06
C ILE A 689 6.30 -7.55 15.36
N GLN A 690 7.45 -7.16 15.91
CA GLN A 690 8.74 -7.54 15.34
C GLN A 690 9.03 -9.01 15.61
N ASN A 691 9.12 -9.79 14.55
CA ASN A 691 9.39 -11.22 14.65
C ASN A 691 10.57 -11.58 15.55
N GLU A 692 10.24 -12.01 16.77
CA GLU A 692 11.20 -12.42 17.79
C GLU A 692 12.16 -13.47 17.24
N GLU A 693 11.62 -14.35 16.41
CA GLU A 693 12.37 -15.43 15.78
C GLU A 693 13.61 -14.90 15.03
N ILE A 694 13.36 -14.24 13.90
CA ILE A 694 14.43 -13.69 13.06
C ILE A 694 15.39 -12.77 13.82
N THR A 695 14.90 -12.13 14.88
CA THR A 695 15.76 -11.25 15.65
C THR A 695 16.88 -12.08 16.25
N ALA A 696 16.52 -13.24 16.79
CA ALA A 696 17.51 -14.13 17.39
C ALA A 696 18.61 -14.37 16.37
N LYS A 697 18.25 -15.02 15.28
CA LYS A 697 19.19 -15.32 14.20
C LYS A 697 20.15 -14.17 13.94
N LEU A 698 19.60 -12.96 13.84
CA LEU A 698 20.43 -11.79 13.58
C LEU A 698 21.31 -11.49 14.78
N ILE A 699 20.73 -11.43 15.98
CA ILE A 699 21.50 -11.16 17.18
C ILE A 699 22.62 -12.20 17.29
N LYS A 700 22.33 -13.40 16.77
CA LYS A 700 23.30 -14.47 16.78
C LYS A 700 24.45 -14.08 15.85
N LYS A 701 24.12 -13.77 14.61
CA LYS A 701 25.11 -13.39 13.61
C LYS A 701 25.80 -12.05 13.91
N ASN A 702 26.03 -11.81 15.20
CA ASN A 702 26.73 -10.61 15.66
C ASN A 702 26.15 -9.25 15.22
N ILE A 703 24.84 -9.19 15.03
CA ILE A 703 24.20 -7.94 14.63
C ILE A 703 23.42 -7.35 15.78
N GLU A 704 23.67 -6.09 16.13
CA GLU A 704 22.94 -5.46 17.21
C GLU A 704 21.57 -5.04 16.71
N VAL A 705 20.52 -5.51 17.38
CA VAL A 705 19.16 -5.20 16.99
C VAL A 705 18.49 -4.27 18.00
N VAL A 706 18.09 -3.10 17.53
CA VAL A 706 17.44 -2.13 18.39
C VAL A 706 15.94 -2.10 18.15
N ASN A 707 15.17 -2.56 19.13
CA ASN A 707 13.73 -2.55 19.04
C ASN A 707 13.25 -1.18 19.46
N MET A 708 12.84 -0.39 18.48
CA MET A 708 12.39 0.97 18.71
C MET A 708 11.12 1.17 19.52
N PRO A 709 11.08 2.26 20.28
CA PRO A 709 9.93 2.62 21.11
C PRO A 709 9.10 3.59 20.26
N LEU A 710 7.89 3.92 20.68
CA LEU A 710 7.09 4.85 19.92
C LEU A 710 7.24 6.26 20.49
N ASN A 711 7.35 7.25 19.61
CA ASN A 711 7.50 8.66 19.98
C ASN A 711 8.62 9.03 20.96
N LYS A 712 9.76 8.34 20.87
CA LYS A 712 10.86 8.69 21.75
C LYS A 712 12.17 8.75 20.96
N ILE A 713 12.77 9.94 20.95
CA ILE A 713 14.02 10.13 20.23
C ILE A 713 15.06 9.16 20.77
N VAL A 714 15.96 8.72 19.90
CA VAL A 714 17.00 7.79 20.31
C VAL A 714 18.32 8.14 19.63
N GLU A 715 19.30 8.54 20.45
CA GLU A 715 20.62 8.90 19.97
C GLU A 715 21.42 7.65 19.62
N PHE A 716 22.01 7.63 18.43
CA PHE A 716 22.83 6.51 17.98
C PHE A 716 24.24 7.01 17.75
N SER A 717 25.17 6.10 17.48
CA SER A 717 26.54 6.48 17.22
C SER A 717 27.01 5.82 15.91
#